data_1DEW
#
_entry.id   1DEW
#
_cell.length_a   71.221
_cell.length_b   72.249
_cell.length_c   93.749
_cell.angle_alpha   90.00
_cell.angle_beta   94.292
_cell.angle_gamma   90.00
#
_symmetry.space_group_name_H-M   'P 1 21 1'
#
loop_
_entity.id
_entity.type
_entity.pdbx_description
1 polymer "5'-D(*GP*CP*GP*TP*CP*CP*(3DR)P*CP*GP*AP*CP*GP*AP*CP*G)-3'"
2 polymer "5'-D(*GP*TP*CP*GP*TP*CP*GP*GP*GP*GP*AP*CP*GP*C)-3'"
3 polymer 'MAJOR APURINIC/APYRIMIDINIC ENDONUCLEASE'
4 non-polymer 'SULFATE ION'
5 water water
#
loop_
_entity_poly.entity_id
_entity_poly.type
_entity_poly.pdbx_seq_one_letter_code
_entity_poly.pdbx_strand_id
1 'polydeoxyribonucleotide' (DG)(DC)(DG)(DT)(DC)(DC)(3DR)(DC)(DG)(DA)(DC)(DG)(DA)(DC)(DG) X,U
2 'polydeoxyribonucleotide' (DG)(DT)(DC)(DG)(DT)(DC)(DG)(DG)(DG)(DG)(DA)(DC)(DG)(DC) Y,V
3 'polypeptide(L)'
;EGPALYEDPPDHKTSPSGKPATLKICSWNVDGLRAWIKKKGLDWVKEEAPDILCLQETKCSENKLPAELQELPGLSHQYW
SAPSDKEGYSGVGLLSRQCPLKVSYGIGDEEHDQEGRVIVAEFDSFVLVTAYVPNAGRGLVRLEYRQRWDEAFRKFLKGL
ASRKPLVLCGDLNVAHEEIDLRNPKGNKKNAGFTPQERQGFGELLQAVPLADSFRHLYPNTPYAYTFWTYMMNARSKNVG
WRLDYFLLSHSLLPALCDSKIRSKALGSDHCPITLYLAL
;
A,B
#
# COMPACT_ATOMS: atom_id res chain seq x y z
N GLY E 2 -18.00 28.46 29.95
CA GLY E 2 -17.91 26.97 29.82
C GLY E 2 -16.57 26.29 30.08
N PRO E 3 -15.88 26.57 31.22
CA PRO E 3 -14.58 26.03 31.69
C PRO E 3 -14.79 24.77 32.55
N ALA E 4 -14.37 23.59 32.09
CA ALA E 4 -14.72 22.36 32.81
C ALA E 4 -13.74 21.22 33.15
N LEU E 5 -12.72 21.44 33.99
CA LEU E 5 -11.77 20.33 34.27
C LEU E 5 -12.38 19.00 34.73
N TYR E 6 -11.58 17.93 34.65
CA TYR E 6 -12.01 16.58 35.03
C TYR E 6 -10.98 15.88 35.91
N GLU E 7 -11.45 15.26 36.99
CA GLU E 7 -10.56 14.53 37.91
C GLU E 7 -11.01 13.08 37.96
N ASP E 8 -10.28 12.21 37.25
CA ASP E 8 -10.58 10.79 37.17
C ASP E 8 -10.59 10.12 38.56
N PRO E 9 -11.74 9.55 38.95
CA PRO E 9 -11.93 8.87 40.23
C PRO E 9 -10.83 7.84 40.54
N PRO E 10 -10.59 7.57 41.84
CA PRO E 10 -9.56 6.60 42.28
C PRO E 10 -9.73 5.20 41.70
N ASP E 11 -8.69 4.39 41.80
CA ASP E 11 -8.70 3.02 41.26
C ASP E 11 -9.49 2.00 42.07
N HIS E 12 -10.58 1.52 41.47
CA HIS E 12 -11.42 0.52 42.11
C HIS E 12 -10.94 -0.84 41.62
N LYS E 13 -10.12 -1.49 42.44
CA LYS E 13 -9.54 -2.78 42.11
C LYS E 13 -10.31 -4.03 42.56
N THR E 14 -11.62 -3.87 42.78
CA THR E 14 -12.48 -4.99 43.18
C THR E 14 -13.67 -5.10 42.23
N SER E 15 -13.97 -6.32 41.82
CA SER E 15 -15.07 -6.59 40.90
C SER E 15 -16.40 -6.42 41.61
N PRO E 16 -17.51 -6.45 40.84
CA PRO E 16 -18.84 -6.32 41.44
C PRO E 16 -19.12 -7.46 42.44
N SER E 17 -18.30 -8.51 42.38
CA SER E 17 -18.43 -9.67 43.26
C SER E 17 -17.38 -9.69 44.37
N GLY E 18 -16.67 -8.58 44.54
CA GLY E 18 -15.66 -8.52 45.57
C GLY E 18 -14.38 -9.27 45.22
N LYS E 19 -14.39 -9.92 44.05
CA LYS E 19 -13.22 -10.66 43.59
C LYS E 19 -12.15 -9.59 43.35
N PRO E 20 -10.91 -9.85 43.75
CA PRO E 20 -9.86 -8.85 43.53
C PRO E 20 -9.36 -8.88 42.08
N ALA E 21 -9.01 -7.70 41.56
CA ALA E 21 -8.51 -7.57 40.19
C ALA E 21 -7.17 -8.28 40.07
N THR E 22 -6.99 -9.00 38.96
CA THR E 22 -5.77 -9.76 38.71
C THR E 22 -5.05 -9.27 37.46
N LEU E 23 -5.82 -8.76 36.51
CA LEU E 23 -5.28 -8.27 35.23
C LEU E 23 -5.40 -6.76 35.14
N LYS E 24 -4.38 -6.13 34.57
CA LYS E 24 -4.33 -4.69 34.41
C LYS E 24 -3.79 -4.34 33.03
N ILE E 25 -4.69 -3.91 32.16
CA ILE E 25 -4.35 -3.56 30.79
C ILE E 25 -4.36 -2.05 30.57
N CYS E 26 -3.27 -1.54 30.01
CA CYS E 26 -3.17 -0.12 29.73
C CYS E 26 -3.13 0.07 28.23
N SER E 27 -3.82 1.09 27.72
CA SER E 27 -3.79 1.38 26.30
C SER E 27 -3.30 2.81 26.12
N TRP E 28 -2.66 3.09 25.00
CA TRP E 28 -2.13 4.43 24.76
C TRP E 28 -1.70 4.67 23.31
N ASN E 29 -2.28 5.70 22.68
CA ASN E 29 -1.92 6.09 21.31
C ASN E 29 -0.79 7.07 21.63
N VAL E 30 0.44 6.66 21.35
CA VAL E 30 1.63 7.47 21.67
C VAL E 30 2.04 8.62 20.75
N ASP E 31 1.50 8.64 19.53
CA ASP E 31 1.83 9.70 18.59
C ASP E 31 3.35 9.68 18.33
N GLY E 32 3.86 8.50 17.97
CA GLY E 32 5.28 8.33 17.70
C GLY E 32 6.04 7.70 18.85
N LEU E 33 6.30 6.40 18.75
CA LEU E 33 7.03 5.66 19.77
C LEU E 33 8.38 6.27 20.12
N ARG E 34 9.13 6.65 19.08
CA ARG E 34 10.45 7.27 19.26
C ARG E 34 10.37 8.53 20.12
N ALA E 35 9.56 9.48 19.69
CA ALA E 35 9.36 10.76 20.38
C ALA E 35 8.82 10.61 21.80
N TRP E 36 7.81 9.76 21.94
CA TRP E 36 7.15 9.48 23.21
C TRP E 36 8.14 9.05 24.30
N ILE E 37 9.07 8.16 23.94
CA ILE E 37 10.06 7.67 24.90
C ILE E 37 10.90 8.83 25.42
N LYS E 38 11.30 9.72 24.51
CA LYS E 38 12.09 10.90 24.86
C LYS E 38 11.30 11.78 25.83
N LYS E 39 9.99 11.84 25.62
CA LYS E 39 9.09 12.64 26.44
C LYS E 39 8.66 11.88 27.69
N LYS E 40 9.55 10.99 28.15
CA LYS E 40 9.37 10.18 29.35
C LYS E 40 8.14 9.30 29.49
N GLY E 41 7.62 8.79 28.37
CA GLY E 41 6.44 7.93 28.42
C GLY E 41 6.65 6.58 29.11
N LEU E 42 7.78 5.94 28.83
CA LEU E 42 8.10 4.65 29.42
C LEU E 42 8.24 4.75 30.93
N ASP E 43 8.68 5.91 31.41
CA ASP E 43 8.84 6.11 32.84
C ASP E 43 7.48 6.01 33.48
N TRP E 44 6.46 6.53 32.81
CA TRP E 44 5.10 6.48 33.31
C TRP E 44 4.60 5.05 33.30
N VAL E 45 4.95 4.31 32.25
CA VAL E 45 4.54 2.91 32.11
C VAL E 45 5.16 2.04 33.21
N LYS E 46 6.31 2.45 33.74
CA LYS E 46 6.94 1.69 34.82
C LYS E 46 6.13 1.91 36.08
N GLU E 47 5.60 3.12 36.24
CA GLU E 47 4.78 3.48 37.40
C GLU E 47 3.47 2.71 37.37
N GLU E 48 2.80 2.66 36.23
CA GLU E 48 1.54 1.93 36.14
C GLU E 48 1.79 0.48 36.39
N ALA E 49 2.86 -0.03 35.79
CA ALA E 49 3.23 -1.42 35.92
C ALA E 49 2.06 -2.34 35.48
N PRO E 50 1.62 -2.18 34.22
CA PRO E 50 0.52 -3.00 33.70
C PRO E 50 1.01 -4.41 33.38
N ASP E 51 0.07 -5.34 33.32
CA ASP E 51 0.40 -6.70 32.99
C ASP E 51 0.52 -6.75 31.47
N ILE E 52 -0.22 -5.87 30.80
CA ILE E 52 -0.23 -5.74 29.35
C ILE E 52 -0.30 -4.25 28.97
N LEU E 53 0.35 -3.88 27.87
CA LEU E 53 0.38 -2.49 27.38
C LEU E 53 0.18 -2.49 25.85
N CYS E 54 -0.72 -1.63 25.39
CA CYS E 54 -1.04 -1.52 23.96
C CYS E 54 -0.81 -0.12 23.46
N LEU E 55 0.00 -0.01 22.41
CA LEU E 55 0.36 1.27 21.81
C LEU E 55 -0.13 1.38 20.38
N GLN E 56 -0.62 2.57 20.04
CA GLN E 56 -1.12 2.86 18.70
C GLN E 56 -0.25 4.01 18.17
N GLU E 57 -0.18 4.13 16.85
CA GLU E 57 0.63 5.15 16.19
C GLU E 57 2.07 5.13 16.67
N THR E 58 2.71 3.98 16.56
CA THR E 58 4.10 3.84 16.98
C THR E 58 4.98 4.60 15.99
N LYS E 59 4.59 4.54 14.72
CA LYS E 59 5.31 5.21 13.63
C LYS E 59 6.77 4.76 13.67
N CYS E 60 6.99 3.49 13.99
CA CYS E 60 8.35 3.00 14.08
C CYS E 60 8.60 1.59 13.59
N SER E 61 9.62 1.46 12.74
CA SER E 61 10.05 0.19 12.20
C SER E 61 10.55 -0.67 13.36
N GLU E 62 10.69 -1.98 13.15
CA GLU E 62 11.18 -2.83 14.22
C GLU E 62 12.69 -2.78 14.33
N ASN E 63 13.36 -2.62 13.20
CA ASN E 63 14.82 -2.53 13.19
C ASN E 63 15.25 -1.16 13.73
N LYS E 64 14.28 -0.29 14.00
CA LYS E 64 14.56 1.04 14.53
C LYS E 64 13.89 1.30 15.88
N LEU E 65 13.48 0.23 16.56
CA LEU E 65 12.85 0.28 17.88
C LEU E 65 13.93 0.65 18.91
N PRO E 66 13.64 1.65 19.76
CA PRO E 66 14.55 2.14 20.81
C PRO E 66 15.02 1.06 21.78
N ALA E 67 16.26 1.21 22.25
CA ALA E 67 16.84 0.26 23.18
C ALA E 67 16.15 0.32 24.56
N GLU E 68 15.35 1.36 24.79
CA GLU E 68 14.63 1.52 26.05
C GLU E 68 13.56 0.45 26.26
N LEU E 69 13.19 -0.26 25.20
CA LEU E 69 12.17 -1.29 25.30
C LEU E 69 12.67 -2.55 25.98
N GLN E 70 13.98 -2.78 25.91
CA GLN E 70 14.58 -3.95 26.55
C GLN E 70 14.75 -3.76 28.06
N GLU E 71 14.23 -2.65 28.58
CA GLU E 71 14.30 -2.38 30.02
C GLU E 71 12.91 -2.39 30.66
N LEU E 72 12.10 -3.34 30.21
CA LEU E 72 10.75 -3.54 30.71
C LEU E 72 10.60 -5.03 30.98
N PRO E 73 11.28 -5.53 32.04
CA PRO E 73 11.24 -6.94 32.42
C PRO E 73 9.82 -7.46 32.65
N GLY E 74 8.94 -6.59 33.14
CA GLY E 74 7.56 -6.98 33.40
C GLY E 74 6.68 -7.00 32.15
N LEU E 75 7.22 -6.52 31.03
CA LEU E 75 6.51 -6.49 29.75
C LEU E 75 7.51 -6.92 28.68
N SER E 76 8.11 -8.08 28.91
CA SER E 76 9.13 -8.65 28.03
C SER E 76 8.66 -9.37 26.77
N HIS E 77 7.35 -9.60 26.66
CA HIS E 77 6.82 -10.27 25.47
C HIS E 77 6.22 -9.17 24.61
N GLN E 78 7.04 -8.66 23.69
CA GLN E 78 6.64 -7.55 22.83
C GLN E 78 6.36 -7.92 21.38
N TYR E 79 5.17 -7.57 20.92
CA TYR E 79 4.74 -7.83 19.55
C TYR E 79 4.48 -6.49 18.86
N TRP E 80 4.78 -6.44 17.57
CA TRP E 80 4.62 -5.19 16.84
C TRP E 80 4.02 -5.37 15.46
N SER E 81 3.37 -4.32 14.98
CA SER E 81 2.77 -4.33 13.66
C SER E 81 3.00 -2.97 12.99
N ALA E 82 3.60 -3.02 11.80
CA ALA E 82 3.90 -1.83 11.02
C ALA E 82 3.29 -1.99 9.62
N PRO E 83 3.00 -0.87 8.92
CA PRO E 83 2.41 -0.91 7.57
C PRO E 83 3.34 -1.61 6.59
N SER E 84 2.76 -2.25 5.59
CA SER E 84 3.55 -2.97 4.60
C SER E 84 4.45 -2.13 3.69
N ASP E 85 4.03 -0.91 3.36
CA ASP E 85 4.84 -0.09 2.46
C ASP E 85 5.15 1.34 2.92
N LYS E 86 4.28 1.92 3.74
CA LYS E 86 4.45 3.29 4.23
C LYS E 86 5.23 3.45 5.54
N GLU E 87 6.55 3.68 5.43
CA GLU E 87 7.44 3.87 6.59
C GLU E 87 7.05 5.05 7.48
N GLY E 88 7.19 4.86 8.80
CA GLY E 88 6.88 5.93 9.74
C GLY E 88 5.46 6.45 9.78
N TYR E 89 4.50 5.56 9.59
CA TYR E 89 3.09 5.91 9.59
C TYR E 89 2.34 4.85 10.40
N SER E 90 1.28 5.27 11.09
CA SER E 90 0.46 4.36 11.89
C SER E 90 1.31 3.49 12.82
N GLY E 91 0.96 2.21 12.92
CA GLY E 91 1.71 1.29 13.76
C GLY E 91 1.09 0.96 15.10
N VAL E 92 1.20 -0.31 15.51
CA VAL E 92 0.69 -0.75 16.80
C VAL E 92 1.63 -1.75 17.48
N GLY E 93 1.55 -1.81 18.80
CA GLY E 93 2.39 -2.73 19.53
C GLY E 93 1.64 -3.28 20.73
N LEU E 94 2.09 -4.44 21.18
CA LEU E 94 1.49 -5.07 22.35
C LEU E 94 2.64 -5.68 23.17
N LEU E 95 2.74 -5.27 24.43
CA LEU E 95 3.78 -5.74 25.35
C LEU E 95 3.14 -6.53 26.50
N SER E 96 3.53 -7.80 26.64
CA SER E 96 2.95 -8.67 27.66
C SER E 96 3.91 -9.27 28.68
N ARG E 97 3.41 -9.49 29.89
CA ARG E 97 4.18 -10.09 30.97
C ARG E 97 4.22 -11.59 30.77
N GLN E 98 3.05 -12.16 30.46
CA GLN E 98 2.93 -13.61 30.24
C GLN E 98 2.87 -13.88 28.75
N CYS E 99 3.32 -15.07 28.36
CA CYS E 99 3.31 -15.44 26.97
C CYS E 99 1.89 -15.78 26.54
N PRO E 100 1.37 -15.07 25.52
CA PRO E 100 0.00 -15.33 25.03
C PRO E 100 0.01 -16.65 24.29
N LEU E 101 -1.13 -17.34 24.28
CA LEU E 101 -1.24 -18.61 23.58
C LEU E 101 -0.98 -18.45 22.09
N LYS E 102 -1.59 -17.42 21.50
CA LYS E 102 -1.45 -17.15 20.08
C LYS E 102 -1.51 -15.65 19.80
N VAL E 103 -0.73 -15.21 18.80
CA VAL E 103 -0.69 -13.82 18.39
C VAL E 103 -0.99 -13.70 16.88
N SER E 104 -1.79 -12.70 16.52
CA SER E 104 -2.18 -12.47 15.13
C SER E 104 -2.14 -10.99 14.74
N TYR E 105 -2.01 -10.72 13.45
CA TYR E 105 -1.93 -9.37 12.94
C TYR E 105 -2.96 -9.13 11.84
N GLY E 106 -3.66 -8.01 11.92
CA GLY E 106 -4.67 -7.68 10.93
C GLY E 106 -6.01 -8.26 11.30
N ILE E 107 -6.99 -8.10 10.40
CA ILE E 107 -8.33 -8.62 10.64
C ILE E 107 -8.70 -9.67 9.59
N GLY E 108 -7.68 -10.29 9.00
CA GLY E 108 -7.88 -11.33 8.01
C GLY E 108 -8.48 -10.85 6.70
N ASP E 109 -8.36 -9.56 6.42
CA ASP E 109 -8.87 -8.98 5.18
C ASP E 109 -7.73 -8.15 4.56
N GLU E 110 -7.16 -8.70 3.49
CA GLU E 110 -6.05 -8.11 2.76
C GLU E 110 -6.13 -6.61 2.46
N GLU E 111 -7.34 -6.09 2.23
CA GLU E 111 -7.46 -4.66 1.93
C GLU E 111 -7.40 -3.77 3.17
N HIS E 112 -7.62 -4.35 4.35
CA HIS E 112 -7.59 -3.59 5.59
C HIS E 112 -6.41 -3.95 6.49
N ASP E 113 -5.45 -4.71 5.96
CA ASP E 113 -4.26 -5.13 6.72
C ASP E 113 -2.97 -4.57 6.14
N GLN E 114 -3.00 -3.35 5.64
CA GLN E 114 -1.80 -2.76 5.05
C GLN E 114 -1.18 -1.64 5.86
N GLU E 115 -1.86 -1.22 6.92
CA GLU E 115 -1.37 -0.11 7.74
C GLU E 115 -1.07 -0.39 9.21
N GLY E 116 -0.74 -1.65 9.50
CA GLY E 116 -0.39 -2.08 10.85
C GLY E 116 -1.27 -1.51 11.93
N ARG E 117 -2.56 -1.84 11.87
CA ARG E 117 -3.51 -1.30 12.81
C ARG E 117 -4.06 -2.23 13.89
N VAL E 118 -3.86 -3.54 13.73
CA VAL E 118 -4.40 -4.49 14.68
C VAL E 118 -3.43 -5.60 15.09
N ILE E 119 -3.57 -6.05 16.32
CA ILE E 119 -2.79 -7.15 16.89
C ILE E 119 -3.78 -7.90 17.77
N VAL E 120 -3.80 -9.22 17.63
CA VAL E 120 -4.68 -10.07 18.38
C VAL E 120 -3.85 -10.98 19.28
N ALA E 121 -4.03 -10.87 20.58
CA ALA E 121 -3.30 -11.73 21.50
C ALA E 121 -4.31 -12.52 22.30
N GLU E 122 -4.24 -13.84 22.17
CA GLU E 122 -5.17 -14.73 22.84
C GLU E 122 -4.61 -15.33 24.13
N PHE E 123 -5.38 -15.22 25.21
CA PHE E 123 -4.98 -15.76 26.49
C PHE E 123 -5.90 -16.90 26.92
N ASP E 124 -5.66 -17.46 28.11
CA ASP E 124 -6.50 -18.56 28.58
C ASP E 124 -7.99 -18.19 28.63
N SER E 125 -8.34 -17.24 29.49
CA SER E 125 -9.74 -16.84 29.65
C SER E 125 -10.33 -15.78 28.71
N PHE E 126 -9.52 -15.19 27.84
CA PHE E 126 -10.04 -14.16 26.95
C PHE E 126 -9.15 -13.85 25.74
N VAL E 127 -9.73 -13.14 24.77
CA VAL E 127 -8.97 -12.71 23.60
C VAL E 127 -8.87 -11.18 23.59
N LEU E 128 -7.64 -10.70 23.44
CA LEU E 128 -7.36 -9.28 23.44
C LEU E 128 -7.04 -8.80 22.04
N VAL E 129 -7.51 -7.60 21.74
CA VAL E 129 -7.32 -6.97 20.46
C VAL E 129 -7.16 -5.50 20.76
N THR E 130 -6.05 -4.92 20.32
CA THR E 130 -5.81 -3.49 20.46
C THR E 130 -5.83 -2.99 19.02
N ALA E 131 -6.30 -1.77 18.80
CA ALA E 131 -6.39 -1.29 17.44
C ALA E 131 -6.28 0.22 17.22
N TYR E 132 -5.70 0.56 16.07
CA TYR E 132 -5.59 1.95 15.68
C TYR E 132 -6.51 2.10 14.47
N VAL E 133 -7.78 2.38 14.77
CA VAL E 133 -8.81 2.55 13.76
C VAL E 133 -8.52 3.73 12.85
N PRO E 134 -8.74 3.57 11.54
CA PRO E 134 -8.54 4.56 10.47
C PRO E 134 -9.21 5.92 10.66
N ASN E 135 -8.45 6.99 10.42
CA ASN E 135 -8.98 8.35 10.55
C ASN E 135 -9.58 8.80 9.21
N ALA E 136 -10.85 9.21 9.25
CA ALA E 136 -11.55 9.66 8.04
C ALA E 136 -10.85 10.87 7.44
N GLY E 137 -10.12 11.58 8.30
CA GLY E 137 -9.37 12.74 7.87
C GLY E 137 -10.12 14.03 7.60
N ARG E 138 -9.34 15.10 7.50
CA ARG E 138 -9.85 16.43 7.21
C ARG E 138 -10.38 16.34 5.79
N GLY E 139 -11.60 16.83 5.58
CA GLY E 139 -12.20 16.75 4.26
C GLY E 139 -12.93 15.43 4.12
N LEU E 140 -12.76 14.57 5.13
CA LEU E 140 -13.41 13.26 5.17
C LEU E 140 -13.12 12.42 3.93
N VAL E 141 -11.98 12.70 3.30
CA VAL E 141 -11.56 11.98 2.09
C VAL E 141 -11.56 10.46 2.27
N ARG E 142 -11.71 10.02 3.52
CA ARG E 142 -11.71 8.61 3.85
C ARG E 142 -12.94 8.15 4.64
N LEU E 143 -14.00 8.94 4.66
CA LEU E 143 -15.21 8.54 5.39
C LEU E 143 -15.81 7.29 4.76
N GLU E 144 -15.75 7.24 3.42
CA GLU E 144 -16.27 6.11 2.66
C GLU E 144 -15.47 4.84 2.96
N TYR E 145 -14.16 5.00 3.19
CA TYR E 145 -13.27 3.87 3.52
C TYR E 145 -13.45 3.44 4.97
N ARG E 146 -13.62 4.43 5.86
CA ARG E 146 -13.82 4.17 7.27
C ARG E 146 -15.09 3.38 7.48
N GLN E 147 -16.11 3.67 6.68
CA GLN E 147 -17.38 2.95 6.80
C GLN E 147 -17.19 1.48 6.42
N ARG E 148 -16.24 1.21 5.52
CA ARG E 148 -15.97 -0.17 5.09
C ARG E 148 -15.16 -0.91 6.15
N TRP E 149 -14.12 -0.25 6.65
CA TRP E 149 -13.28 -0.83 7.69
C TRP E 149 -14.18 -1.21 8.88
N ASP E 150 -15.05 -0.29 9.28
CA ASP E 150 -15.98 -0.51 10.40
C ASP E 150 -16.77 -1.80 10.23
N GLU E 151 -17.17 -2.08 8.99
CA GLU E 151 -17.93 -3.30 8.70
C GLU E 151 -17.00 -4.49 8.69
N ALA E 152 -15.79 -4.29 8.15
CA ALA E 152 -14.81 -5.36 8.09
C ALA E 152 -14.38 -5.70 9.51
N PHE E 153 -14.19 -4.65 10.31
CA PHE E 153 -13.76 -4.80 11.68
C PHE E 153 -14.77 -5.54 12.55
N ARG E 154 -16.04 -5.11 12.53
CA ARG E 154 -17.06 -5.76 13.35
C ARG E 154 -17.34 -7.20 12.95
N LYS E 155 -17.26 -7.48 11.65
CA LYS E 155 -17.47 -8.83 11.15
C LYS E 155 -16.39 -9.69 11.80
N PHE E 156 -15.19 -9.15 11.81
CA PHE E 156 -14.04 -9.83 12.38
C PHE E 156 -14.16 -10.10 13.87
N LEU E 157 -14.39 -9.04 14.64
CA LEU E 157 -14.51 -9.13 16.10
C LEU E 157 -15.61 -10.07 16.56
N LYS E 158 -16.76 -10.00 15.89
CA LYS E 158 -17.90 -10.86 16.21
C LYS E 158 -17.39 -12.29 16.06
N GLY E 159 -16.67 -12.53 14.96
CA GLY E 159 -16.10 -13.82 14.71
C GLY E 159 -15.20 -14.27 15.85
N LEU E 160 -14.38 -13.36 16.39
CA LEU E 160 -13.51 -13.73 17.49
C LEU E 160 -14.28 -13.99 18.77
N ALA E 161 -15.21 -13.07 19.06
CA ALA E 161 -16.07 -13.11 20.24
C ALA E 161 -16.88 -14.39 20.43
N SER E 162 -17.31 -15.00 19.32
CA SER E 162 -18.09 -16.24 19.30
C SER E 162 -17.33 -17.43 19.90
N ARG E 163 -16.02 -17.27 20.02
CA ARG E 163 -15.17 -18.30 20.57
C ARG E 163 -14.88 -18.08 22.06
N LYS E 164 -14.33 -16.91 22.39
CA LYS E 164 -13.98 -16.57 23.76
C LYS E 164 -14.31 -15.13 24.08
N PRO E 165 -14.25 -14.77 25.38
CA PRO E 165 -14.55 -13.40 25.80
C PRO E 165 -13.55 -12.48 25.10
N LEU E 166 -14.07 -11.49 24.40
CA LEU E 166 -13.26 -10.56 23.65
C LEU E 166 -13.04 -9.27 24.40
N VAL E 167 -11.84 -8.71 24.22
CA VAL E 167 -11.48 -7.40 24.81
C VAL E 167 -10.79 -6.56 23.74
N LEU E 168 -11.43 -5.46 23.36
CA LEU E 168 -10.90 -4.56 22.37
C LEU E 168 -10.53 -3.25 23.04
N CYS E 169 -9.35 -2.72 22.72
CA CYS E 169 -8.89 -1.45 23.29
C CYS E 169 -8.13 -0.64 22.24
N GLY E 170 -7.82 0.60 22.55
CA GLY E 170 -7.07 1.41 21.59
C GLY E 170 -7.81 2.58 21.00
N ASP E 171 -7.22 3.18 19.97
CA ASP E 171 -7.85 4.33 19.32
C ASP E 171 -8.86 3.89 18.27
N LEU E 172 -10.14 4.00 18.65
CA LEU E 172 -11.26 3.63 17.80
C LEU E 172 -11.75 4.80 16.96
N ASN E 173 -11.09 5.95 17.13
CA ASN E 173 -11.35 7.17 16.39
C ASN E 173 -12.77 7.70 16.26
N VAL E 174 -13.56 7.54 17.31
CA VAL E 174 -14.92 8.03 17.28
C VAL E 174 -15.44 8.29 18.67
N ALA E 175 -16.06 9.45 18.86
CA ALA E 175 -16.68 9.80 20.12
C ALA E 175 -18.10 9.35 19.85
N HIS E 176 -18.56 8.35 20.61
CA HIS E 176 -19.89 7.80 20.43
C HIS E 176 -21.01 8.80 20.65
N GLU E 177 -21.00 9.49 21.80
CA GLU E 177 -22.05 10.44 22.10
C GLU E 177 -21.55 11.89 22.28
N GLU E 178 -22.50 12.80 22.48
CA GLU E 178 -22.21 14.22 22.68
C GLU E 178 -21.48 14.46 23.99
N ILE E 179 -21.56 13.47 24.87
CA ILE E 179 -20.94 13.51 26.17
C ILE E 179 -19.46 13.06 26.06
N ASP E 180 -19.13 12.45 24.93
CA ASP E 180 -17.77 11.97 24.68
C ASP E 180 -16.81 13.01 24.11
N LEU E 181 -17.26 14.26 24.04
CA LEU E 181 -16.44 15.38 23.54
C LEU E 181 -17.06 16.72 23.93
N ARG E 182 -16.21 17.73 24.04
CA ARG E 182 -16.63 19.08 24.45
C ARG E 182 -17.56 19.80 23.46
N ASN E 183 -17.22 19.76 22.17
CA ASN E 183 -18.02 20.45 21.14
C ASN E 183 -18.77 19.49 20.22
N PRO E 184 -19.84 18.85 20.72
CA PRO E 184 -20.55 17.93 19.83
C PRO E 184 -21.05 18.58 18.53
N LYS E 185 -21.86 19.62 18.67
CA LYS E 185 -22.46 20.34 17.54
C LYS E 185 -21.50 20.85 16.44
N GLY E 186 -20.52 21.66 16.85
CA GLY E 186 -19.55 22.21 15.90
C GLY E 186 -18.58 21.18 15.34
N ASN E 187 -18.72 19.94 15.77
CA ASN E 187 -17.87 18.85 15.29
C ASN E 187 -18.66 17.79 14.53
N LYS E 188 -19.97 17.94 14.48
CA LYS E 188 -20.85 17.00 13.78
C LYS E 188 -20.46 16.72 12.32
N LYS E 189 -19.61 17.56 11.73
CA LYS E 189 -19.22 17.36 10.34
C LYS E 189 -17.71 17.12 10.18
N ASN E 190 -17.07 16.81 11.30
CA ASN E 190 -15.64 16.55 11.35
C ASN E 190 -15.33 15.09 11.64
N ALA E 191 -14.19 14.63 11.13
CA ALA E 191 -13.73 13.25 11.34
C ALA E 191 -13.66 12.91 12.82
N GLY E 192 -14.48 11.96 13.25
CA GLY E 192 -14.49 11.56 14.64
C GLY E 192 -15.86 11.67 15.30
N PHE E 193 -16.76 12.45 14.71
CA PHE E 193 -18.09 12.62 15.27
C PHE E 193 -19.20 12.65 14.22
N THR E 194 -18.84 12.33 12.97
CA THR E 194 -19.82 12.30 11.89
C THR E 194 -20.81 11.18 12.23
N PRO E 195 -22.08 11.34 11.86
CA PRO E 195 -23.10 10.32 12.14
C PRO E 195 -22.75 8.90 11.67
N GLN E 196 -22.14 8.78 10.49
CA GLN E 196 -21.76 7.49 9.93
C GLN E 196 -20.81 6.71 10.86
N GLU E 197 -19.76 7.39 11.32
CA GLU E 197 -18.78 6.79 12.21
C GLU E 197 -19.46 6.46 13.54
N ARG E 198 -20.19 7.44 14.04
CA ARG E 198 -20.91 7.34 15.31
C ARG E 198 -21.93 6.21 15.28
N GLN E 199 -22.48 5.98 14.10
CA GLN E 199 -23.46 4.92 13.88
C GLN E 199 -22.72 3.59 13.82
N GLY E 200 -21.56 3.61 13.16
CA GLY E 200 -20.71 2.42 13.02
C GLY E 200 -20.27 1.89 14.37
N PHE E 201 -20.15 2.77 15.35
CA PHE E 201 -19.75 2.39 16.71
C PHE E 201 -20.90 1.67 17.43
N GLY E 202 -22.12 2.13 17.15
CA GLY E 202 -23.30 1.52 17.76
C GLY E 202 -23.47 0.11 17.23
N GLU E 203 -23.35 -0.02 15.90
CA GLU E 203 -23.48 -1.31 15.23
C GLU E 203 -22.44 -2.27 15.80
N LEU E 204 -21.29 -1.72 16.19
CA LEU E 204 -20.21 -2.48 16.77
C LEU E 204 -20.60 -2.97 18.15
N LEU E 205 -21.03 -2.06 19.02
CA LEU E 205 -21.42 -2.44 20.37
C LEU E 205 -22.55 -3.48 20.40
N GLN E 206 -23.47 -3.39 19.45
CA GLN E 206 -24.60 -4.32 19.42
C GLN E 206 -24.40 -5.61 18.62
N ALA E 207 -23.59 -5.56 17.56
CA ALA E 207 -23.35 -6.74 16.73
C ALA E 207 -22.51 -7.83 17.40
N VAL E 208 -21.31 -7.46 17.86
CA VAL E 208 -20.39 -8.39 18.49
C VAL E 208 -20.99 -9.39 19.48
N PRO E 209 -21.58 -8.92 20.60
CA PRO E 209 -21.78 -7.56 21.11
C PRO E 209 -20.70 -7.15 22.12
N LEU E 210 -20.53 -5.84 22.28
CA LEU E 210 -19.53 -5.29 23.19
C LEU E 210 -20.09 -4.20 24.09
N ALA E 211 -19.48 -4.06 25.26
CA ALA E 211 -19.89 -3.04 26.22
C ALA E 211 -18.73 -2.10 26.46
N ASP E 212 -19.03 -0.80 26.42
CA ASP E 212 -18.05 0.25 26.66
C ASP E 212 -17.83 0.27 28.17
N SER E 213 -16.71 -0.30 28.59
CA SER E 213 -16.35 -0.38 30.00
C SER E 213 -16.55 0.94 30.75
N PHE E 214 -16.00 2.03 30.22
CA PHE E 214 -16.12 3.33 30.88
C PHE E 214 -17.56 3.78 31.08
N ARG E 215 -18.32 3.89 29.99
CA ARG E 215 -19.72 4.30 30.04
C ARG E 215 -20.62 3.35 30.81
N HIS E 216 -20.13 2.15 31.09
CA HIS E 216 -20.92 1.19 31.83
C HIS E 216 -20.92 1.59 33.31
N LEU E 217 -19.73 1.93 33.80
CA LEU E 217 -19.54 2.32 35.18
C LEU E 217 -19.95 3.77 35.39
N TYR E 218 -19.56 4.60 34.46
CA TYR E 218 -19.82 6.02 34.54
C TYR E 218 -20.70 6.44 33.37
N PRO E 219 -21.98 6.02 33.38
CA PRO E 219 -22.94 6.33 32.30
C PRO E 219 -23.28 7.81 32.18
N ASN E 220 -23.14 8.55 33.28
CA ASN E 220 -23.49 9.97 33.30
C ASN E 220 -22.37 10.96 33.68
N THR E 221 -21.13 10.50 33.76
CA THR E 221 -19.98 11.35 34.09
C THR E 221 -19.46 12.02 32.82
N PRO E 222 -19.60 13.35 32.73
CA PRO E 222 -19.16 14.13 31.57
C PRO E 222 -17.71 14.61 31.61
N TYR E 223 -17.32 15.33 30.56
CA TYR E 223 -15.97 15.91 30.41
C TYR E 223 -14.81 14.94 30.53
N ALA E 224 -15.06 13.65 30.34
CA ALA E 224 -14.03 12.62 30.40
C ALA E 224 -13.52 12.37 28.98
N TYR E 225 -12.33 12.87 28.68
CA TYR E 225 -11.77 12.73 27.34
C TYR E 225 -10.41 12.07 27.35
N THR E 226 -9.99 11.61 26.18
CA THR E 226 -8.72 10.94 26.02
C THR E 226 -7.84 11.60 24.95
N PHE E 227 -8.37 12.66 24.34
CA PHE E 227 -7.66 13.39 23.28
C PHE E 227 -7.91 14.87 23.37
N TRP E 228 -6.90 15.65 22.97
CA TRP E 228 -6.95 17.09 22.96
C TRP E 228 -5.97 17.53 21.88
N THR E 229 -6.45 18.30 20.93
CA THR E 229 -5.61 18.80 19.85
C THR E 229 -4.49 19.65 20.46
N TYR E 230 -3.27 19.44 19.98
CA TYR E 230 -2.10 20.18 20.48
C TYR E 230 -2.31 21.69 20.30
N MET E 231 -3.17 22.04 19.34
CA MET E 231 -3.48 23.43 19.02
C MET E 231 -4.26 24.16 20.11
N MET E 232 -4.06 25.47 20.18
CA MET E 232 -4.76 26.37 21.10
C MET E 232 -4.89 25.99 22.58
N ASN E 233 -3.89 25.33 23.15
CA ASN E 233 -3.92 24.92 24.56
C ASN E 233 -5.20 24.21 24.98
N ALA E 234 -5.75 23.39 24.10
CA ALA E 234 -6.99 22.68 24.35
C ALA E 234 -6.95 21.67 25.48
N ARG E 235 -5.74 21.26 25.89
CA ARG E 235 -5.60 20.30 26.97
C ARG E 235 -5.64 20.98 28.33
N SER E 236 -5.06 22.18 28.39
CA SER E 236 -5.05 22.96 29.63
C SER E 236 -6.47 23.40 29.96
N LYS E 237 -7.36 23.36 28.96
CA LYS E 237 -8.76 23.72 29.13
C LYS E 237 -9.67 22.48 29.09
N ASN E 238 -9.05 21.29 29.04
CA ASN E 238 -9.78 20.03 28.99
C ASN E 238 -10.83 19.97 27.87
N VAL E 239 -10.61 20.75 26.83
CA VAL E 239 -11.53 20.73 25.69
C VAL E 239 -11.05 19.62 24.78
N GLY E 240 -11.59 18.41 24.96
CA GLY E 240 -11.15 17.31 24.14
C GLY E 240 -12.23 16.35 23.71
N TRP E 241 -11.80 15.16 23.28
CA TRP E 241 -12.68 14.08 22.80
C TRP E 241 -12.31 12.77 23.48
N ARG E 242 -13.25 11.84 23.55
CA ARG E 242 -12.99 10.52 24.14
C ARG E 242 -12.96 9.53 22.99
N LEU E 243 -11.75 9.20 22.51
CA LEU E 243 -11.57 8.31 21.36
C LEU E 243 -10.94 6.95 21.66
N ASP E 244 -10.45 6.78 22.88
CA ASP E 244 -9.78 5.56 23.32
C ASP E 244 -10.66 4.77 24.28
N TYR E 245 -10.91 3.53 23.91
CA TYR E 245 -11.80 2.67 24.66
C TYR E 245 -11.24 1.34 25.09
N PHE E 246 -12.03 0.68 25.91
CA PHE E 246 -11.79 -0.65 26.42
C PHE E 246 -13.17 -1.28 26.31
N LEU E 247 -13.51 -1.79 25.13
CA LEU E 247 -14.80 -2.44 24.91
C LEU E 247 -14.64 -3.93 25.17
N LEU E 248 -15.31 -4.43 26.21
CA LEU E 248 -15.24 -5.85 26.57
C LEU E 248 -16.57 -6.60 26.43
N SER E 249 -16.50 -7.93 26.38
CA SER E 249 -17.67 -8.78 26.25
C SER E 249 -18.61 -8.64 27.44
N HIS E 250 -19.89 -8.95 27.23
CA HIS E 250 -20.87 -8.85 28.31
C HIS E 250 -20.58 -9.90 29.37
N SER E 251 -20.00 -11.02 28.94
CA SER E 251 -19.64 -12.08 29.88
C SER E 251 -18.48 -11.65 30.79
N LEU E 252 -17.71 -10.65 30.34
CA LEU E 252 -16.59 -10.14 31.12
C LEU E 252 -16.98 -8.98 32.02
N LEU E 253 -18.22 -8.51 31.87
CA LEU E 253 -18.74 -7.40 32.67
C LEU E 253 -18.65 -7.61 34.19
N PRO E 254 -18.92 -8.85 34.68
CA PRO E 254 -18.84 -9.13 36.12
C PRO E 254 -17.38 -9.21 36.60
N ALA E 255 -16.47 -9.39 35.65
CA ALA E 255 -15.04 -9.48 35.92
C ALA E 255 -14.41 -8.09 35.94
N LEU E 256 -15.17 -7.09 35.49
CA LEU E 256 -14.70 -5.70 35.43
C LEU E 256 -14.67 -4.98 36.77
N CYS E 257 -13.51 -4.45 37.13
CA CYS E 257 -13.30 -3.71 38.37
C CYS E 257 -13.32 -2.20 38.16
N ASP E 258 -12.71 -1.73 37.07
CA ASP E 258 -12.70 -0.30 36.78
C ASP E 258 -12.16 0.00 35.38
N SER E 259 -12.55 1.15 34.84
CA SER E 259 -12.11 1.62 33.52
C SER E 259 -11.53 3.02 33.71
N LYS E 260 -10.21 3.12 33.79
CA LYS E 260 -9.54 4.40 34.04
C LYS E 260 -9.08 5.28 32.86
N ILE E 261 -9.06 6.59 33.11
CA ILE E 261 -8.59 7.59 32.13
C ILE E 261 -7.45 8.35 32.81
N ARG E 262 -6.22 8.10 32.37
CA ARG E 262 -5.04 8.73 32.96
C ARG E 262 -4.72 10.11 32.39
N SER E 263 -5.60 11.06 32.72
CA SER E 263 -5.55 12.46 32.26
C SER E 263 -4.25 13.25 32.45
N LYS E 264 -3.60 13.03 33.60
CA LYS E 264 -2.36 13.71 33.95
C LYS E 264 -1.11 13.30 33.16
N ALA E 265 -1.16 12.15 32.49
CA ALA E 265 0.00 11.67 31.75
C ALA E 265 0.24 12.33 30.40
N LEU E 266 1.42 12.93 30.26
CA LEU E 266 1.78 13.61 29.02
C LEU E 266 2.68 12.74 28.15
N GLY E 267 2.94 13.21 26.93
CA GLY E 267 3.78 12.49 26.01
C GLY E 267 3.14 12.34 24.66
N SER E 268 1.84 12.63 24.59
CA SER E 268 1.06 12.51 23.35
C SER E 268 -0.19 13.40 23.41
N ASP E 269 -0.90 13.51 22.29
CA ASP E 269 -2.13 14.30 22.26
C ASP E 269 -3.27 13.46 22.83
N HIS E 270 -2.91 12.23 23.17
CA HIS E 270 -3.81 11.24 23.76
C HIS E 270 -3.21 10.93 25.11
N CYS E 271 -4.04 10.50 26.05
CA CYS E 271 -3.54 10.16 27.38
C CYS E 271 -3.83 8.68 27.55
N PRO E 272 -3.04 7.98 28.38
CA PRO E 272 -3.30 6.56 28.57
C PRO E 272 -4.60 6.24 29.30
N ILE E 273 -5.14 5.05 29.03
CA ILE E 273 -6.37 4.59 29.67
C ILE E 273 -5.99 3.24 30.27
N THR E 274 -6.62 2.85 31.37
CA THR E 274 -6.27 1.58 31.99
C THR E 274 -7.49 0.77 32.37
N LEU E 275 -7.33 -0.55 32.35
CA LEU E 275 -8.41 -1.47 32.67
C LEU E 275 -7.99 -2.39 33.81
N TYR E 276 -8.97 -2.76 34.64
CA TYR E 276 -8.78 -3.65 35.76
C TYR E 276 -9.80 -4.79 35.65
N LEU E 277 -9.31 -6.02 35.63
CA LEU E 277 -10.17 -7.18 35.52
C LEU E 277 -9.79 -8.22 36.57
N ALA E 278 -10.82 -8.84 37.13
CA ALA E 278 -10.67 -9.88 38.13
C ALA E 278 -10.97 -11.17 37.39
N LEU E 279 -9.91 -11.84 36.96
CA LEU E 279 -10.03 -13.10 36.24
C LEU E 279 -9.35 -14.22 37.02
N GLU F 1 1.06 22.55 -17.72
CA GLU F 1 0.91 21.80 -16.44
C GLU F 1 2.18 21.91 -15.58
N GLY F 2 2.35 20.96 -14.67
CA GLY F 2 3.50 20.96 -13.78
C GLY F 2 3.04 20.54 -12.40
N PRO F 3 2.10 21.32 -11.81
CA PRO F 3 1.53 21.07 -10.49
C PRO F 3 0.78 19.74 -10.39
N ALA F 4 0.23 19.27 -11.50
CA ALA F 4 -0.48 18.00 -11.53
C ALA F 4 0.57 16.90 -11.67
N LEU F 5 1.57 16.99 -10.79
CA LEU F 5 2.69 16.07 -10.75
C LEU F 5 2.23 14.69 -10.30
N TYR F 6 3.08 13.70 -10.48
CA TYR F 6 2.75 12.35 -10.11
C TYR F 6 3.79 11.69 -9.22
N GLU F 7 3.30 11.05 -8.16
CA GLU F 7 4.15 10.35 -7.20
C GLU F 7 3.70 8.90 -7.15
N ASP F 8 4.46 8.03 -7.80
CA ASP F 8 4.16 6.61 -7.84
C ASP F 8 4.29 5.97 -6.44
N PRO F 9 3.19 5.33 -5.96
CA PRO F 9 3.14 4.67 -4.64
C PRO F 9 4.25 3.63 -4.43
N PRO F 10 4.61 3.36 -3.17
CA PRO F 10 5.66 2.40 -2.82
C PRO F 10 5.43 1.04 -3.47
N ASP F 11 6.50 0.25 -3.60
CA ASP F 11 6.39 -1.07 -4.22
C ASP F 11 5.63 -2.03 -3.31
N HIS F 12 4.64 -2.71 -3.87
CA HIS F 12 3.85 -3.69 -3.14
C HIS F 12 4.26 -5.06 -3.66
N LYS F 13 5.06 -5.77 -2.87
CA LYS F 13 5.57 -7.08 -3.26
C LYS F 13 4.81 -8.32 -2.73
N THR F 14 3.48 -8.21 -2.66
CA THR F 14 2.65 -9.31 -2.19
C THR F 14 1.43 -9.51 -3.08
N SER F 15 1.18 -10.77 -3.47
CA SER F 15 0.05 -11.12 -4.32
C SER F 15 -1.26 -10.92 -3.51
N PRO F 16 -2.41 -10.96 -4.20
CA PRO F 16 -3.68 -10.79 -3.48
C PRO F 16 -3.89 -11.83 -2.38
N SER F 17 -3.37 -13.03 -2.58
CA SER F 17 -3.53 -14.11 -1.59
C SER F 17 -2.51 -14.05 -0.46
N GLY F 18 -1.54 -13.14 -0.57
CA GLY F 18 -0.52 -12.99 0.45
C GLY F 18 0.87 -13.50 0.09
N LYS F 19 0.94 -14.26 -1.00
CA LYS F 19 2.20 -14.84 -1.47
C LYS F 19 3.21 -13.76 -1.88
N PRO F 20 4.42 -13.81 -1.31
CA PRO F 20 5.45 -12.82 -1.66
C PRO F 20 5.93 -12.96 -3.11
N ALA F 21 6.26 -11.81 -3.72
CA ALA F 21 6.72 -11.75 -5.10
C ALA F 21 8.04 -12.50 -5.29
N THR F 22 8.19 -13.14 -6.44
CA THR F 22 9.38 -13.92 -6.74
C THR F 22 10.03 -13.50 -8.06
N LEU F 23 9.34 -12.65 -8.81
CA LEU F 23 9.83 -12.21 -10.11
C LEU F 23 9.67 -10.72 -10.28
N LYS F 24 10.73 -10.08 -10.77
CA LYS F 24 10.76 -8.63 -10.97
C LYS F 24 11.26 -8.27 -12.37
N ILE F 25 10.31 -7.96 -13.25
CA ILE F 25 10.63 -7.58 -14.61
C ILE F 25 10.63 -6.05 -14.75
N CYS F 26 11.64 -5.55 -15.44
CA CYS F 26 11.78 -4.12 -15.67
C CYS F 26 11.93 -3.89 -17.16
N SER F 27 11.12 -2.98 -17.71
CA SER F 27 11.19 -2.65 -19.13
C SER F 27 11.58 -1.19 -19.26
N TRP F 28 12.31 -0.86 -20.32
CA TRP F 28 12.75 0.52 -20.50
C TRP F 28 13.14 0.88 -21.94
N ASN F 29 12.52 1.92 -22.48
CA ASN F 29 12.84 2.42 -23.81
C ASN F 29 13.98 3.37 -23.54
N VAL F 30 15.20 2.92 -23.85
CA VAL F 30 16.41 3.69 -23.59
C VAL F 30 16.77 4.81 -24.54
N ASP F 31 16.20 4.81 -25.74
CA ASP F 31 16.51 5.85 -26.73
C ASP F 31 18.02 5.88 -26.94
N GLY F 32 18.55 4.78 -27.48
CA GLY F 32 19.98 4.68 -27.73
C GLY F 32 20.69 4.08 -26.53
N LEU F 33 20.99 2.79 -26.63
CA LEU F 33 21.66 2.05 -25.58
C LEU F 33 22.99 2.69 -25.22
N ARG F 34 23.81 2.95 -26.23
CA ARG F 34 25.11 3.58 -26.02
C ARG F 34 24.96 4.87 -25.22
N ALA F 35 24.12 5.78 -25.72
CA ALA F 35 23.88 7.06 -25.08
C ALA F 35 23.35 6.94 -23.66
N TRP F 36 22.46 5.98 -23.47
CA TRP F 36 21.83 5.71 -22.19
C TRP F 36 22.87 5.29 -21.13
N ILE F 37 23.75 4.37 -21.51
CA ILE F 37 24.80 3.89 -20.62
C ILE F 37 25.69 5.04 -20.19
N LYS F 38 25.98 5.94 -21.12
CA LYS F 38 26.81 7.12 -20.83
C LYS F 38 26.10 8.02 -19.80
N LYS F 39 24.77 8.00 -19.83
CA LYS F 39 23.93 8.80 -18.93
C LYS F 39 23.59 8.11 -17.61
N LYS F 40 24.38 7.09 -17.25
CA LYS F 40 24.23 6.35 -15.99
C LYS F 40 22.99 5.49 -15.90
N GLY F 41 22.51 5.00 -17.05
CA GLY F 41 21.32 4.15 -17.06
C GLY F 41 21.50 2.79 -16.42
N LEU F 42 22.63 2.14 -16.67
CA LEU F 42 22.94 0.83 -16.09
C LEU F 42 23.08 0.93 -14.58
N ASP F 43 23.63 2.05 -14.11
CA ASP F 43 23.80 2.24 -12.68
C ASP F 43 22.44 2.15 -12.03
N TRP F 44 21.43 2.73 -12.67
CA TRP F 44 20.07 2.68 -12.13
C TRP F 44 19.53 1.25 -12.14
N VAL F 45 19.83 0.51 -13.21
CA VAL F 45 19.41 -0.89 -13.35
C VAL F 45 20.02 -1.81 -12.28
N LYS F 46 21.26 -1.52 -11.85
CA LYS F 46 21.90 -2.33 -10.82
C LYS F 46 21.17 -2.14 -9.49
N GLU F 47 20.73 -0.90 -9.25
CA GLU F 47 19.99 -0.55 -8.03
C GLU F 47 18.62 -1.25 -7.97
N GLU F 48 17.97 -1.39 -9.12
CA GLU F 48 16.67 -2.05 -9.21
C GLU F 48 16.81 -3.53 -9.01
N ALA F 49 17.93 -4.04 -9.50
CA ALA F 49 18.26 -5.45 -9.40
C ALA F 49 17.11 -6.33 -9.88
N PRO F 50 16.66 -6.16 -11.13
CA PRO F 50 15.57 -6.98 -11.63
C PRO F 50 16.05 -8.36 -12.03
N ASP F 51 15.11 -9.27 -12.20
CA ASP F 51 15.45 -10.62 -12.61
C ASP F 51 15.56 -10.63 -14.11
N ILE F 52 14.71 -9.85 -14.77
CA ILE F 52 14.72 -9.74 -16.23
C ILE F 52 14.68 -8.25 -16.59
N LEU F 53 15.40 -7.88 -17.65
CA LEU F 53 15.43 -6.50 -18.11
C LEU F 53 15.16 -6.49 -19.61
N CYS F 54 14.12 -5.75 -20.02
CA CYS F 54 13.75 -5.65 -21.42
C CYS F 54 13.98 -4.23 -21.87
N LEU F 55 14.74 -4.08 -22.96
CA LEU F 55 15.08 -2.77 -23.51
C LEU F 55 14.55 -2.58 -24.94
N GLN F 56 14.09 -1.36 -25.21
CA GLN F 56 13.57 -0.99 -26.53
C GLN F 56 14.37 0.20 -27.09
N GLU F 57 14.49 0.28 -28.41
CA GLU F 57 15.24 1.33 -29.08
C GLU F 57 16.70 1.41 -28.65
N THR F 58 17.37 0.27 -28.69
CA THR F 58 18.77 0.19 -28.32
C THR F 58 19.59 0.94 -29.34
N LYS F 59 19.20 0.81 -30.60
CA LYS F 59 19.90 1.49 -31.68
C LYS F 59 21.38 1.13 -31.65
N CYS F 60 21.64 -0.16 -31.44
CA CYS F 60 23.01 -0.65 -31.39
C CYS F 60 23.19 -2.06 -31.93
N SER F 61 24.27 -2.23 -32.67
CA SER F 61 24.66 -3.50 -33.27
C SER F 61 25.32 -4.35 -32.17
N GLU F 62 25.23 -5.67 -32.30
CA GLU F 62 25.82 -6.56 -31.30
C GLU F 62 27.35 -6.48 -31.28
N ASN F 63 27.91 -6.05 -32.41
CA ASN F 63 29.34 -5.89 -32.54
C ASN F 63 29.74 -4.69 -31.69
N LYS F 64 28.87 -3.68 -31.64
CA LYS F 64 29.12 -2.44 -30.91
C LYS F 64 28.46 -2.30 -29.54
N LEU F 65 28.08 -3.41 -28.92
CA LEU F 65 27.47 -3.37 -27.60
C LEU F 65 28.56 -3.05 -26.57
N PRO F 66 28.34 -2.07 -25.69
CA PRO F 66 29.30 -1.67 -24.65
C PRO F 66 29.77 -2.83 -23.77
N ALA F 67 31.02 -2.75 -23.30
CA ALA F 67 31.56 -3.82 -22.46
C ALA F 67 30.93 -3.85 -21.07
N GLU F 68 30.27 -2.76 -20.69
CA GLU F 68 29.62 -2.67 -19.38
C GLU F 68 28.46 -3.66 -19.24
N LEU F 69 28.00 -4.21 -20.36
CA LEU F 69 26.89 -5.17 -20.35
C LEU F 69 27.33 -6.55 -19.85
N GLN F 70 28.63 -6.71 -19.64
CA GLN F 70 29.17 -7.97 -19.13
C GLN F 70 29.62 -7.79 -17.67
N GLU F 71 29.05 -6.79 -17.02
CA GLU F 71 29.32 -6.51 -15.61
C GLU F 71 27.99 -6.56 -14.87
N LEU F 72 27.02 -7.22 -15.48
CA LEU F 72 25.71 -7.39 -14.88
C LEU F 72 25.65 -8.85 -14.46
N PRO F 73 26.16 -9.16 -13.25
CA PRO F 73 26.18 -10.53 -12.73
C PRO F 73 24.80 -11.18 -12.59
N GLY F 74 23.78 -10.36 -12.34
CA GLY F 74 22.44 -10.90 -12.18
C GLY F 74 21.61 -10.95 -13.44
N LEU F 75 22.20 -10.57 -14.58
CA LEU F 75 21.48 -10.58 -15.85
C LEU F 75 22.45 -11.05 -16.92
N SER F 76 23.05 -12.22 -16.70
CA SER F 76 24.06 -12.79 -17.62
C SER F 76 23.55 -13.43 -18.91
N HIS F 77 22.26 -13.67 -19.00
CA HIS F 77 21.68 -14.27 -20.20
C HIS F 77 21.10 -13.15 -21.06
N GLN F 78 21.93 -12.66 -21.98
CA GLN F 78 21.57 -11.54 -22.86
C GLN F 78 21.18 -11.86 -24.29
N TYR F 79 19.99 -11.36 -24.66
CA TYR F 79 19.40 -11.57 -25.98
C TYR F 79 19.10 -10.25 -26.68
N TRP F 80 19.52 -10.16 -27.94
CA TRP F 80 19.34 -8.94 -28.73
C TRP F 80 18.73 -9.18 -30.10
N SER F 81 18.14 -8.11 -30.65
CA SER F 81 17.54 -8.13 -31.96
C SER F 81 17.63 -6.72 -32.55
N ALA F 82 18.11 -6.64 -33.78
CA ALA F 82 18.25 -5.36 -34.49
C ALA F 82 17.70 -5.55 -35.90
N PRO F 83 17.28 -4.45 -36.57
CA PRO F 83 16.74 -4.54 -37.93
C PRO F 83 17.72 -5.14 -38.93
N SER F 84 17.18 -5.75 -39.97
CA SER F 84 17.99 -6.40 -41.00
C SER F 84 18.86 -5.46 -41.85
N ASP F 85 18.52 -4.18 -41.85
CA ASP F 85 19.25 -3.19 -42.65
C ASP F 85 19.44 -1.83 -42.01
N LYS F 86 18.35 -1.22 -41.54
CA LYS F 86 18.40 0.10 -40.92
C LYS F 86 19.28 0.16 -39.66
N GLU F 87 20.59 0.31 -39.87
CA GLU F 87 21.59 0.38 -38.79
C GLU F 87 21.35 1.58 -37.90
N GLY F 88 21.33 1.34 -36.58
CA GLY F 88 21.12 2.41 -35.62
C GLY F 88 19.68 2.87 -35.47
N TYR F 89 18.74 2.06 -35.97
CA TYR F 89 17.33 2.37 -35.88
C TYR F 89 16.66 1.28 -35.10
N SER F 90 15.68 1.64 -34.28
CA SER F 90 14.93 0.66 -33.49
C SER F 90 15.91 -0.17 -32.67
N GLY F 91 15.64 -1.45 -32.50
CA GLY F 91 16.53 -2.29 -31.73
C GLY F 91 15.92 -2.63 -30.39
N VAL F 92 15.95 -3.91 -30.06
CA VAL F 92 15.37 -4.42 -28.83
C VAL F 92 16.33 -5.44 -28.17
N GLY F 93 16.20 -5.62 -26.85
CA GLY F 93 17.04 -6.55 -26.13
C GLY F 93 16.43 -7.03 -24.82
N LEU F 94 16.78 -8.24 -24.42
CA LEU F 94 16.27 -8.86 -23.20
C LEU F 94 17.42 -9.50 -22.43
N LEU F 95 17.55 -9.15 -21.15
CA LEU F 95 18.60 -9.66 -20.26
C LEU F 95 17.92 -10.39 -19.08
N SER F 96 18.22 -11.67 -18.95
CA SER F 96 17.62 -12.51 -17.92
C SER F 96 18.62 -13.09 -16.91
N ARG F 97 18.17 -13.25 -15.67
CA ARG F 97 18.99 -13.82 -14.61
C ARG F 97 19.14 -15.33 -14.82
N GLN F 98 18.01 -16.01 -15.08
CA GLN F 98 17.98 -17.45 -15.33
C GLN F 98 17.96 -17.69 -16.84
N CYS F 99 18.40 -18.88 -17.27
CA CYS F 99 18.40 -19.22 -18.69
C CYS F 99 16.98 -19.55 -19.14
N PRO F 100 16.46 -18.84 -20.17
CA PRO F 100 15.11 -19.09 -20.68
C PRO F 100 15.04 -20.46 -21.32
N LEU F 101 13.87 -21.09 -21.24
CA LEU F 101 13.68 -22.40 -21.85
C LEU F 101 13.95 -22.29 -23.35
N LYS F 102 13.33 -21.28 -23.96
CA LYS F 102 13.48 -21.04 -25.38
C LYS F 102 13.42 -19.54 -25.60
N VAL F 103 14.12 -19.08 -26.63
CA VAL F 103 14.14 -17.67 -27.00
C VAL F 103 13.95 -17.51 -28.52
N SER F 104 12.99 -16.68 -28.89
CA SER F 104 12.68 -16.47 -30.30
C SER F 104 12.70 -14.99 -30.64
N TYR F 105 12.83 -14.70 -31.93
CA TYR F 105 12.87 -13.35 -32.42
C TYR F 105 11.78 -13.17 -33.47
N GLY F 106 11.08 -12.04 -33.42
CA GLY F 106 10.03 -11.78 -34.39
C GLY F 106 8.68 -12.38 -34.06
N ILE F 107 7.68 -12.05 -34.86
CA ILE F 107 6.33 -12.56 -34.66
C ILE F 107 5.95 -13.59 -35.72
N GLY F 108 6.97 -14.19 -36.34
CA GLY F 108 6.76 -15.21 -37.36
C GLY F 108 6.19 -14.68 -38.66
N ASP F 109 6.38 -13.38 -38.91
CA ASP F 109 5.86 -12.76 -40.12
C ASP F 109 6.96 -11.97 -40.80
N GLU F 110 7.41 -12.49 -41.95
CA GLU F 110 8.46 -11.88 -42.76
C GLU F 110 8.34 -10.35 -42.92
N GLU F 111 7.11 -9.86 -42.97
CA GLU F 111 6.84 -8.44 -43.16
C GLU F 111 7.05 -7.56 -41.94
N HIS F 112 6.84 -8.11 -40.75
CA HIS F 112 7.00 -7.33 -39.53
C HIS F 112 8.23 -7.71 -38.73
N ASP F 113 9.12 -8.49 -39.33
CA ASP F 113 10.32 -8.94 -38.66
C ASP F 113 11.63 -8.37 -39.21
N GLN F 114 11.58 -7.15 -39.75
CA GLN F 114 12.77 -6.53 -40.32
C GLN F 114 13.34 -5.34 -39.55
N GLU F 115 12.65 -4.89 -38.49
CA GLU F 115 13.14 -3.73 -37.74
C GLU F 115 13.52 -3.95 -36.27
N GLY F 116 13.89 -5.19 -35.93
CA GLY F 116 14.30 -5.55 -34.57
C GLY F 116 13.34 -5.09 -33.51
N ARG F 117 12.11 -5.60 -33.56
CA ARG F 117 11.08 -5.14 -32.63
C ARG F 117 10.58 -6.09 -31.56
N VAL F 118 10.80 -7.38 -31.74
CA VAL F 118 10.30 -8.36 -30.79
C VAL F 118 11.27 -9.48 -30.40
N ILE F 119 11.22 -9.86 -29.13
CA ILE F 119 12.01 -10.96 -28.58
C ILE F 119 11.03 -11.74 -27.70
N VAL F 120 11.14 -13.06 -27.73
CA VAL F 120 10.24 -13.92 -26.95
C VAL F 120 11.07 -14.84 -26.09
N ALA F 121 10.90 -14.73 -24.77
CA ALA F 121 11.63 -15.59 -23.85
C ALA F 121 10.64 -16.42 -23.05
N GLU F 122 10.65 -17.73 -23.32
CA GLU F 122 9.77 -18.67 -22.64
C GLU F 122 10.40 -19.24 -21.38
N PHE F 123 9.68 -19.12 -20.26
CA PHE F 123 10.15 -19.66 -18.99
C PHE F 123 9.19 -20.77 -18.58
N ASP F 124 9.39 -21.36 -17.40
CA ASP F 124 8.51 -22.43 -16.96
C ASP F 124 7.03 -22.06 -16.85
N SER F 125 6.70 -21.16 -15.92
CA SER F 125 5.32 -20.73 -15.67
C SER F 125 4.68 -19.72 -16.64
N PHE F 126 5.49 -19.13 -17.53
CA PHE F 126 4.96 -18.13 -18.45
C PHE F 126 5.82 -17.82 -19.66
N VAL F 127 5.27 -16.98 -20.53
CA VAL F 127 5.95 -16.54 -21.74
C VAL F 127 6.12 -15.02 -21.71
N LEU F 128 7.36 -14.57 -21.81
CA LEU F 128 7.63 -13.15 -21.82
C LEU F 128 7.88 -12.66 -23.23
N VAL F 129 7.30 -11.51 -23.53
CA VAL F 129 7.46 -10.91 -24.84
C VAL F 129 7.62 -9.42 -24.61
N THR F 130 8.74 -8.90 -25.08
CA THR F 130 9.03 -7.47 -24.98
C THR F 130 8.93 -6.95 -26.41
N ALA F 131 8.54 -5.71 -26.57
CA ALA F 131 8.40 -5.16 -27.92
C ALA F 131 8.57 -3.67 -28.06
N TYR F 132 8.82 -3.27 -29.30
CA TYR F 132 8.95 -1.89 -29.65
C TYR F 132 8.05 -1.74 -30.88
N VAL F 133 6.79 -1.40 -30.60
CA VAL F 133 5.74 -1.23 -31.59
C VAL F 133 6.01 -0.05 -32.53
N PRO F 134 5.79 -0.24 -33.84
CA PRO F 134 6.00 0.77 -34.88
C PRO F 134 5.31 2.10 -34.60
N ASN F 135 6.05 3.18 -34.81
CA ASN F 135 5.52 4.53 -34.62
C ASN F 135 4.80 4.90 -35.91
N ALA F 136 3.58 5.44 -35.80
CA ALA F 136 2.81 5.85 -36.97
C ALA F 136 3.42 7.10 -37.61
N GLY F 137 4.38 7.71 -36.92
CA GLY F 137 5.08 8.88 -37.41
C GLY F 137 4.29 10.17 -37.56
N ARG F 138 5.03 11.24 -37.82
CA ARG F 138 4.47 12.58 -38.03
C ARG F 138 3.71 12.58 -39.36
N GLY F 139 2.50 13.13 -39.36
CA GLY F 139 1.71 13.15 -40.58
C GLY F 139 1.04 11.80 -40.74
N LEU F 140 1.18 10.96 -39.71
CA LEU F 140 0.61 9.62 -39.68
C LEU F 140 1.03 8.78 -40.88
N VAL F 141 2.12 9.17 -41.52
CA VAL F 141 2.66 8.50 -42.69
C VAL F 141 2.65 6.97 -42.58
N ARG F 142 2.85 6.46 -41.37
CA ARG F 142 2.88 5.00 -41.18
C ARG F 142 1.68 4.40 -40.45
N LEU F 143 0.55 5.11 -40.42
CA LEU F 143 -0.64 4.61 -39.74
C LEU F 143 -1.27 3.39 -40.42
N GLU F 144 -1.13 3.30 -41.75
CA GLU F 144 -1.69 2.18 -42.48
C GLU F 144 -0.92 0.91 -42.14
N TYR F 145 0.40 1.02 -42.09
CA TYR F 145 1.28 -0.11 -41.76
C TYR F 145 1.07 -0.53 -40.31
N ARG F 146 0.96 0.48 -39.44
CA ARG F 146 0.76 0.27 -38.02
C ARG F 146 -0.46 -0.60 -37.74
N GLN F 147 -1.52 -0.42 -38.51
CA GLN F 147 -2.73 -1.21 -38.33
C GLN F 147 -2.48 -2.65 -38.77
N ARG F 148 -1.67 -2.83 -39.82
CA ARG F 148 -1.34 -4.18 -40.27
C ARG F 148 -0.51 -4.85 -39.20
N TRP F 149 0.46 -4.12 -38.65
CA TRP F 149 1.30 -4.61 -37.57
C TRP F 149 0.38 -5.05 -36.42
N ASP F 150 -0.47 -4.14 -35.96
CA ASP F 150 -1.38 -4.39 -34.85
C ASP F 150 -2.14 -5.70 -34.97
N GLU F 151 -2.56 -6.03 -36.18
CA GLU F 151 -3.30 -7.26 -36.43
C GLU F 151 -2.42 -8.48 -36.27
N ALA F 152 -1.24 -8.44 -36.90
CA ALA F 152 -0.29 -9.54 -36.87
C ALA F 152 0.18 -9.82 -35.45
N PHE F 153 0.39 -8.74 -34.70
CA PHE F 153 0.85 -8.84 -33.34
C PHE F 153 -0.13 -9.53 -32.42
N ARG F 154 -1.38 -9.06 -32.39
CA ARG F 154 -2.38 -9.68 -31.52
C ARG F 154 -2.68 -11.14 -31.89
N LYS F 155 -2.61 -11.46 -33.18
CA LYS F 155 -2.84 -12.81 -33.67
C LYS F 155 -1.72 -13.72 -33.18
N PHE F 156 -0.50 -13.19 -33.22
CA PHE F 156 0.69 -13.90 -32.78
C PHE F 156 0.70 -14.09 -31.26
N LEU F 157 0.29 -13.05 -30.54
CA LEU F 157 0.26 -13.09 -29.07
C LEU F 157 -0.83 -14.02 -28.58
N LYS F 158 -1.92 -14.07 -29.34
CA LYS F 158 -3.04 -14.94 -29.00
C LYS F 158 -2.56 -16.39 -29.05
N GLY F 159 -1.74 -16.68 -30.06
CA GLY F 159 -1.20 -18.02 -30.22
C GLY F 159 -0.32 -18.42 -29.04
N LEU F 160 0.54 -17.51 -28.59
CA LEU F 160 1.40 -17.82 -27.45
C LEU F 160 0.57 -18.09 -26.22
N ALA F 161 -0.28 -17.12 -25.87
CA ALA F 161 -1.17 -17.20 -24.71
C ALA F 161 -1.99 -18.49 -24.64
N SER F 162 -2.27 -19.09 -25.80
CA SER F 162 -3.03 -20.33 -25.91
C SER F 162 -2.30 -21.54 -25.32
N ARG F 163 -0.98 -21.49 -25.36
CA ARG F 163 -0.16 -22.59 -24.85
C ARG F 163 0.42 -22.32 -23.44
N LYS F 164 0.49 -21.06 -23.05
CA LYS F 164 1.05 -20.68 -21.76
C LYS F 164 0.76 -19.22 -21.41
N PRO F 165 0.63 -18.92 -20.09
CA PRO F 165 0.36 -17.56 -19.63
C PRO F 165 1.30 -16.56 -20.31
N LEU F 166 0.77 -15.42 -20.72
CA LEU F 166 1.55 -14.40 -21.42
C LEU F 166 1.79 -13.10 -20.67
N VAL F 167 2.97 -12.51 -20.90
CA VAL F 167 3.35 -11.22 -20.33
C VAL F 167 4.00 -10.41 -21.45
N LEU F 168 3.38 -9.31 -21.84
CA LEU F 168 3.92 -8.45 -22.88
C LEU F 168 4.29 -7.11 -22.29
N CYS F 169 5.55 -6.73 -22.46
CA CYS F 169 6.03 -5.46 -21.92
C CYS F 169 6.76 -4.64 -22.99
N GLY F 170 7.04 -3.38 -22.65
CA GLY F 170 7.75 -2.53 -23.58
C GLY F 170 6.92 -1.38 -24.08
N ASP F 171 7.47 -0.67 -25.06
CA ASP F 171 6.77 0.47 -25.65
C ASP F 171 5.75 -0.02 -26.69
N LEU F 172 4.48 -0.03 -26.29
CA LEU F 172 3.39 -0.48 -27.16
C LEU F 172 2.89 0.63 -28.04
N ASN F 173 3.49 1.80 -27.86
CA ASN F 173 3.20 3.00 -28.65
C ASN F 173 1.79 3.53 -28.75
N VAL F 174 1.05 3.46 -27.64
CA VAL F 174 -0.32 3.98 -27.59
C VAL F 174 -0.71 4.33 -26.17
N ALA F 175 -1.40 5.46 -26.04
CA ALA F 175 -1.94 5.87 -24.76
C ALA F 175 -3.39 5.41 -24.97
N HIS F 176 -3.78 4.32 -24.31
CA HIS F 176 -5.12 3.77 -24.51
C HIS F 176 -6.29 4.74 -24.38
N GLU F 177 -6.54 5.20 -23.15
CA GLU F 177 -7.63 6.13 -22.88
C GLU F 177 -7.10 7.55 -22.68
N GLU F 178 -8.01 8.49 -22.42
CA GLU F 178 -7.64 9.88 -22.22
C GLU F 178 -6.84 10.07 -20.95
N ILE F 179 -7.02 9.13 -20.01
CA ILE F 179 -6.33 9.17 -18.74
C ILE F 179 -4.85 8.80 -18.90
N ASP F 180 -4.51 8.16 -20.03
CA ASP F 180 -3.15 7.75 -20.31
C ASP F 180 -2.21 8.87 -20.83
N LEU F 181 -2.71 10.09 -20.97
CA LEU F 181 -1.89 11.23 -21.42
C LEU F 181 -2.46 12.56 -20.97
N ARG F 182 -1.57 13.53 -20.83
CA ARG F 182 -1.92 14.88 -20.40
C ARG F 182 -2.86 15.65 -21.33
N ASN F 183 -2.69 15.49 -22.65
CA ASN F 183 -3.54 16.19 -23.63
C ASN F 183 -4.27 15.28 -24.63
N PRO F 184 -5.47 14.81 -24.27
CA PRO F 184 -6.26 13.95 -25.14
C PRO F 184 -6.87 14.68 -26.34
N LYS F 185 -7.40 15.88 -26.11
CA LYS F 185 -8.02 16.66 -27.18
C LYS F 185 -7.05 17.11 -28.28
N GLY F 186 -5.98 17.78 -27.87
CA GLY F 186 -4.99 18.27 -28.81
C GLY F 186 -4.05 17.26 -29.45
N ASN F 187 -4.18 15.98 -29.10
CA ASN F 187 -3.33 14.95 -29.69
C ASN F 187 -4.16 13.86 -30.36
N LYS F 188 -5.43 14.17 -30.61
CA LYS F 188 -6.35 13.24 -31.27
C LYS F 188 -5.88 12.84 -32.68
N LYS F 189 -5.20 13.73 -33.38
CA LYS F 189 -4.73 13.44 -34.73
C LYS F 189 -3.24 13.18 -34.77
N ASN F 190 -2.66 12.91 -33.61
CA ASN F 190 -1.23 12.64 -33.49
C ASN F 190 -0.95 11.15 -33.34
N ALA F 191 0.22 10.75 -33.80
CA ALA F 191 0.67 9.37 -33.69
C ALA F 191 0.72 9.02 -32.21
N GLY F 192 0.08 7.92 -31.83
CA GLY F 192 0.07 7.52 -30.45
C GLY F 192 -1.29 7.61 -29.81
N PHE F 193 -2.14 8.49 -30.31
CA PHE F 193 -3.48 8.64 -29.75
C PHE F 193 -4.59 8.76 -30.80
N THR F 194 -4.32 8.29 -32.01
CA THR F 194 -5.35 8.31 -33.06
C THR F 194 -6.37 7.24 -32.66
N PRO F 195 -7.62 7.39 -33.13
CA PRO F 195 -8.64 6.39 -32.78
C PRO F 195 -8.25 4.97 -33.23
N GLN F 196 -7.66 4.86 -34.42
CA GLN F 196 -7.25 3.57 -34.96
C GLN F 196 -6.28 2.81 -34.05
N GLU F 197 -5.39 3.55 -33.39
CA GLU F 197 -4.41 2.98 -32.49
C GLU F 197 -5.04 2.57 -31.17
N ARG F 198 -5.91 3.43 -30.64
CA ARG F 198 -6.60 3.15 -29.39
C ARG F 198 -7.49 1.92 -29.52
N GLN F 199 -8.15 1.80 -30.66
CA GLN F 199 -9.02 0.67 -30.95
C GLN F 199 -8.15 -0.57 -31.10
N GLY F 200 -7.01 -0.42 -31.78
CA GLY F 200 -6.10 -1.52 -31.96
C GLY F 200 -5.61 -2.08 -30.63
N PHE F 201 -5.49 -1.20 -29.64
CA PHE F 201 -5.07 -1.60 -28.30
C PHE F 201 -6.23 -2.34 -27.63
N GLY F 202 -7.44 -1.78 -27.76
CA GLY F 202 -8.60 -2.39 -27.15
C GLY F 202 -8.87 -3.80 -27.65
N GLU F 203 -8.72 -3.99 -28.95
CA GLU F 203 -8.94 -5.30 -29.58
C GLU F 203 -7.90 -6.28 -29.08
N LEU F 204 -6.70 -5.77 -28.80
CA LEU F 204 -5.60 -6.57 -28.30
C LEU F 204 -5.93 -7.13 -26.92
N LEU F 205 -6.45 -6.28 -26.05
CA LEU F 205 -6.79 -6.69 -24.69
C LEU F 205 -7.90 -7.72 -24.68
N GLN F 206 -8.85 -7.56 -25.59
CA GLN F 206 -9.98 -8.48 -25.65
C GLN F 206 -9.74 -9.75 -26.44
N ALA F 207 -8.87 -9.68 -27.45
CA ALA F 207 -8.56 -10.83 -28.31
C ALA F 207 -7.75 -11.95 -27.67
N VAL F 208 -6.57 -11.60 -27.18
CA VAL F 208 -5.65 -12.56 -26.57
C VAL F 208 -6.24 -13.48 -25.52
N PRO F 209 -6.81 -12.93 -24.42
CA PRO F 209 -6.99 -11.53 -24.03
C PRO F 209 -5.86 -11.10 -23.10
N LEU F 210 -5.77 -9.79 -22.84
CA LEU F 210 -4.75 -9.22 -21.96
C LEU F 210 -5.29 -8.15 -21.05
N ALA F 211 -4.62 -8.00 -19.90
CA ALA F 211 -5.01 -7.01 -18.90
C ALA F 211 -3.88 -6.04 -18.65
N ASP F 212 -4.20 -4.76 -18.65
CA ASP F 212 -3.23 -3.69 -18.40
C ASP F 212 -2.92 -3.66 -16.91
N SER F 213 -1.82 -4.30 -16.54
CA SER F 213 -1.37 -4.41 -15.16
C SER F 213 -1.52 -3.14 -14.30
N PHE F 214 -0.98 -2.03 -14.78
CA PHE F 214 -1.05 -0.76 -14.05
C PHE F 214 -2.49 -0.27 -13.85
N ARG F 215 -3.22 -0.15 -14.95
CA ARG F 215 -4.60 0.32 -14.91
C ARG F 215 -5.50 -0.61 -14.10
N HIS F 216 -5.22 -1.91 -14.14
CA HIS F 216 -5.97 -2.90 -13.39
C HIS F 216 -5.91 -2.55 -11.90
N LEU F 217 -4.69 -2.28 -11.42
CA LEU F 217 -4.45 -1.93 -10.02
C LEU F 217 -4.87 -0.49 -9.69
N TYR F 218 -4.64 0.44 -10.63
CA TYR F 218 -4.97 1.84 -10.43
C TYR F 218 -5.93 2.32 -11.51
N PRO F 219 -7.20 1.88 -11.43
CA PRO F 219 -8.24 2.24 -12.40
C PRO F 219 -8.46 3.75 -12.61
N ASN F 220 -8.48 4.51 -11.52
CA ASN F 220 -8.74 5.95 -11.60
C ASN F 220 -7.54 6.86 -11.37
N THR F 221 -6.37 6.26 -11.22
CA THR F 221 -5.15 7.05 -11.00
C THR F 221 -4.77 7.76 -12.28
N PRO F 222 -4.79 9.10 -12.25
CA PRO F 222 -4.44 9.89 -13.42
C PRO F 222 -3.02 10.41 -13.32
N TYR F 223 -2.60 11.18 -14.32
CA TYR F 223 -1.28 11.81 -14.39
C TYR F 223 -0.07 10.87 -14.29
N ALA F 224 -0.30 9.58 -14.55
CA ALA F 224 0.77 8.58 -14.52
C ALA F 224 1.25 8.32 -15.95
N TYR F 225 2.43 8.84 -16.30
CA TYR F 225 2.97 8.69 -17.65
C TYR F 225 4.35 8.03 -17.70
N THR F 226 4.76 7.62 -18.90
CA THR F 226 6.07 6.97 -19.10
C THR F 226 6.94 7.68 -20.13
N PHE F 227 6.35 8.61 -20.88
CA PHE F 227 7.06 9.35 -21.90
C PHE F 227 6.76 10.83 -21.81
N TRP F 228 7.77 11.64 -22.11
CA TRP F 228 7.65 13.09 -22.12
C TRP F 228 8.56 13.56 -23.25
N THR F 229 8.03 14.37 -24.16
CA THR F 229 8.85 14.86 -25.26
C THR F 229 9.98 15.72 -24.71
N TYR F 230 11.18 15.56 -25.29
CA TYR F 230 12.35 16.32 -24.87
C TYR F 230 12.18 17.83 -25.06
N MET F 231 11.11 18.22 -25.75
CA MET F 231 10.85 19.63 -26.03
C MET F 231 10.00 20.32 -24.98
N MET F 232 10.29 21.61 -24.76
CA MET F 232 9.53 22.47 -23.86
C MET F 232 9.44 22.11 -22.37
N ASN F 233 10.49 21.51 -21.83
CA ASN F 233 10.53 21.13 -20.41
C ASN F 233 9.35 20.28 -19.99
N ALA F 234 8.81 19.50 -20.93
CA ALA F 234 7.64 18.67 -20.68
C ALA F 234 7.74 17.75 -19.47
N ARG F 235 8.93 17.19 -19.22
CA ARG F 235 9.04 16.27 -18.09
C ARG F 235 8.94 17.01 -16.78
N SER F 236 9.67 18.11 -16.67
CA SER F 236 9.64 18.93 -15.46
C SER F 236 8.21 19.35 -15.15
N LYS F 237 7.40 19.42 -16.20
CA LYS F 237 6.00 19.79 -16.05
C LYS F 237 5.07 18.58 -16.01
N ASN F 238 5.61 17.39 -16.30
CA ASN F 238 4.84 16.14 -16.31
C ASN F 238 3.75 16.09 -17.39
N VAL F 239 4.00 16.73 -18.53
CA VAL F 239 3.03 16.71 -19.62
C VAL F 239 3.42 15.56 -20.55
N GLY F 240 3.07 14.34 -20.14
CA GLY F 240 3.43 13.18 -20.94
C GLY F 240 2.35 12.19 -21.33
N TRP F 241 2.79 11.01 -21.78
CA TRP F 241 1.90 9.94 -22.22
C TRP F 241 2.28 8.62 -21.53
N ARG F 242 1.34 7.68 -21.48
CA ARG F 242 1.61 6.36 -20.91
C ARG F 242 1.65 5.47 -22.13
N LEU F 243 2.87 5.19 -22.61
CA LEU F 243 3.08 4.38 -23.79
C LEU F 243 3.69 3.02 -23.51
N ASP F 244 4.23 2.86 -22.31
CA ASP F 244 4.89 1.62 -21.89
C ASP F 244 4.00 0.84 -20.94
N TYR F 245 3.83 -0.45 -21.24
CA TYR F 245 2.94 -1.30 -20.47
C TYR F 245 3.53 -2.65 -20.08
N PHE F 246 2.72 -3.40 -19.34
CA PHE F 246 2.98 -4.74 -18.91
C PHE F 246 1.57 -5.27 -19.02
N LEU F 247 1.32 -6.08 -20.04
CA LEU F 247 0.01 -6.68 -20.24
C LEU F 247 0.14 -8.15 -19.87
N LEU F 248 -0.80 -8.67 -19.09
CA LEU F 248 -0.72 -10.06 -18.63
C LEU F 248 -1.98 -10.83 -18.90
N SER F 249 -1.85 -12.15 -18.98
CA SER F 249 -3.03 -12.98 -19.16
C SER F 249 -3.83 -12.86 -17.87
N HIS F 250 -5.15 -12.93 -17.98
CA HIS F 250 -6.02 -12.81 -16.82
C HIS F 250 -5.62 -13.79 -15.73
N SER F 251 -5.12 -14.94 -16.15
CA SER F 251 -4.69 -15.98 -15.23
C SER F 251 -3.40 -15.62 -14.49
N LEU F 252 -2.91 -14.40 -14.66
CA LEU F 252 -1.71 -13.99 -13.95
C LEU F 252 -2.05 -12.88 -13.00
N LEU F 253 -3.32 -12.51 -12.98
CA LEU F 253 -3.77 -11.45 -12.07
C LEU F 253 -3.60 -11.88 -10.61
N PRO F 254 -4.08 -13.10 -10.25
CA PRO F 254 -3.91 -13.54 -8.86
C PRO F 254 -2.42 -13.59 -8.43
N ALA F 255 -1.53 -13.49 -9.41
CA ALA F 255 -0.08 -13.49 -9.20
C ALA F 255 0.53 -12.08 -9.32
N LEU F 256 -0.32 -11.08 -9.57
CA LEU F 256 0.15 -9.70 -9.71
C LEU F 256 0.34 -9.01 -8.36
N CYS F 257 1.55 -8.57 -8.08
CA CYS F 257 1.83 -7.86 -6.82
C CYS F 257 1.78 -6.37 -7.03
N ASP F 258 2.40 -5.90 -8.11
CA ASP F 258 2.39 -4.46 -8.43
C ASP F 258 2.94 -4.13 -9.82
N SER F 259 2.57 -2.95 -10.30
CA SER F 259 3.04 -2.42 -11.58
C SER F 259 3.48 -1.01 -11.27
N LYS F 260 4.78 -0.78 -11.35
CA LYS F 260 5.35 0.52 -11.02
C LYS F 260 5.83 1.29 -12.24
N ILE F 261 5.92 2.60 -12.08
CA ILE F 261 6.41 3.53 -13.10
C ILE F 261 7.52 4.32 -12.40
N ARG F 262 8.76 4.10 -12.83
CA ARG F 262 9.92 4.77 -12.23
C ARG F 262 10.17 6.16 -12.81
N SER F 263 9.32 7.10 -12.40
CA SER F 263 9.36 8.49 -12.86
C SER F 263 10.66 9.26 -12.66
N LYS F 264 11.43 8.89 -11.65
CA LYS F 264 12.68 9.58 -11.33
C LYS F 264 13.88 9.15 -12.15
N ALA F 265 13.80 7.95 -12.73
CA ALA F 265 14.89 7.43 -13.54
C ALA F 265 15.05 8.23 -14.84
N LEU F 266 16.24 8.77 -15.06
CA LEU F 266 16.52 9.55 -16.27
C LEU F 266 17.39 8.77 -17.26
N GLY F 267 17.63 9.36 -18.43
CA GLY F 267 18.45 8.70 -19.42
C GLY F 267 17.80 8.57 -20.79
N SER F 268 16.50 8.87 -20.85
CA SER F 268 15.73 8.77 -22.09
C SER F 268 14.44 9.57 -21.91
N ASP F 269 13.71 9.82 -23.01
CA ASP F 269 12.43 10.53 -22.94
C ASP F 269 11.34 9.62 -22.36
N HIS F 270 11.73 8.37 -22.12
CA HIS F 270 10.88 7.36 -21.52
C HIS F 270 11.51 7.01 -20.19
N CYS F 271 10.68 6.60 -19.25
CA CYS F 271 11.17 6.21 -17.94
C CYS F 271 10.86 4.74 -17.85
N PRO F 272 11.57 4.01 -16.98
CA PRO F 272 11.32 2.57 -16.84
C PRO F 272 10.05 2.26 -16.06
N ILE F 273 9.51 1.07 -16.31
CA ILE F 273 8.32 0.58 -15.64
C ILE F 273 8.74 -0.75 -15.05
N THR F 274 8.15 -1.15 -13.92
CA THR F 274 8.53 -2.42 -13.30
C THR F 274 7.34 -3.27 -12.88
N LEU F 275 7.45 -4.57 -13.08
CA LEU F 275 6.39 -5.50 -12.70
C LEU F 275 6.86 -6.47 -11.60
N TYR F 276 5.93 -6.78 -10.68
CA TYR F 276 6.17 -7.68 -9.57
C TYR F 276 5.14 -8.81 -9.67
N LEU F 277 5.60 -10.06 -9.53
CA LEU F 277 4.72 -11.22 -9.62
C LEU F 277 5.10 -12.32 -8.62
N ALA F 278 4.11 -12.85 -7.92
CA ALA F 278 4.33 -13.92 -6.97
C ALA F 278 4.13 -15.22 -7.75
N LEU F 279 5.19 -15.65 -8.45
CA LEU F 279 5.13 -16.88 -9.25
C LEU F 279 5.83 -18.10 -8.63
#